data_9REA
#
_entry.id   9REA
#
_cell.length_a   51.589
_cell.length_b   71.532
_cell.length_c   97.618
_cell.angle_alpha   90.000
_cell.angle_beta   90.000
_cell.angle_gamma   90.000
#
_symmetry.space_group_name_H-M   'P 21 21 21'
#
loop_
_entity.id
_entity.type
_entity.pdbx_description
1 polymer 'cAMP-dependent protein kinase catalytic subunit alpha'
2 non-polymer (2~{R},3~{S},6~{S})-2-(aminomethyl)-6-[(5-phenyl-1,2-oxazol-3-yl)methyl]oxan-3-ol
3 non-polymer 'DIMETHYL SULFOXIDE'
4 water water
#
_entity_poly.entity_id   1
_entity_poly.type   'polypeptide(L)'
_entity_poly.pdbx_seq_one_letter_code
;GHMGNAAAAKKGSEQESVKEFLAKAKEEFLKKWESPSQNTAQLDHFDRIKTLGTGSFGRVMLVKHKETGNHYAMKILDKQ
KVVKLKQIEHTLNEKRILQAVNFPFLVKLEFSFKDNSNLYMVMEYVPGGEMFSHLRRIGRF(SEP)EPHARFYAAQIVLT
FEYLHSLDLIYRDLKPENLLIDQQGYIQVTDFGFAKRVKGRTW(TPO)LCGTPEYLAPEIILSKGYNKAVDWWALGVLIY
EMAAGYPPFFADQPIQIYEKIVSGKVRFPSHFSSDLKDLLRNLLQVDLTKRFGNLKNGVNDIKNHKWFATTDWIAIYQRK
VEAPFIPKFKGPGDTSNFDDYEEEEIRV(SEP)INEKCGKEFTEF
;
_entity_poly.pdbx_strand_id   A
#
loop_
_chem_comp.id
_chem_comp.type
_chem_comp.name
_chem_comp.formula
A1JES non-polymer (2~{R},3~{S},6~{S})-2-(aminomethyl)-6-[(5-phenyl-1,2-oxazol-3-yl)methyl]oxan-3-ol 'C16 H20 N2 O3'
DMS non-polymer 'DIMETHYL SULFOXIDE' 'C2 H6 O S'
#
# COMPACT_ATOMS: atom_id res chain seq x y z
N GLU A 14 -3.67 -20.98 16.36
CA GLU A 14 -3.71 -19.54 16.60
C GLU A 14 -4.38 -19.23 17.93
N GLN A 15 -3.85 -18.25 18.65
CA GLN A 15 -4.39 -17.93 19.96
C GLN A 15 -5.77 -17.31 19.82
N GLU A 16 -6.66 -17.64 20.77
CA GLU A 16 -8.03 -17.16 20.73
C GLU A 16 -8.08 -15.64 20.75
N SER A 17 -7.13 -14.99 21.39
N SER A 17 -7.14 -14.99 21.43
CA SER A 17 -7.11 -13.52 21.39
CA SER A 17 -7.06 -13.53 21.40
C SER A 17 -6.94 -12.98 19.98
C SER A 17 -6.95 -13.01 19.98
N VAL A 18 -6.14 -13.66 19.15
CA VAL A 18 -5.96 -13.23 17.77
C VAL A 18 -7.21 -13.52 16.94
N LYS A 19 -7.81 -14.71 17.12
CA LYS A 19 -9.02 -15.03 16.39
C LYS A 19 -10.15 -14.07 16.73
N GLU A 20 -10.28 -13.70 18.01
CA GLU A 20 -11.35 -12.79 18.37
C GLU A 20 -11.09 -11.38 17.87
N PHE A 21 -9.81 -10.98 17.82
CA PHE A 21 -9.48 -9.69 17.21
C PHE A 21 -9.90 -9.65 15.75
N LEU A 22 -9.52 -10.67 14.97
CA LEU A 22 -9.85 -10.65 13.55
C LEU A 22 -11.35 -10.78 13.32
N ALA A 23 -12.06 -11.52 14.19
CA ALA A 23 -13.51 -11.64 14.03
C ALA A 23 -14.19 -10.30 14.22
N LYS A 24 -13.81 -9.55 15.24
CA LYS A 24 -14.33 -8.20 15.43
C LYS A 24 -13.93 -7.30 14.26
N ALA A 25 -12.67 -7.40 13.81
CA ALA A 25 -12.25 -6.57 12.68
C ALA A 25 -13.14 -6.81 11.46
N LYS A 26 -13.48 -8.07 11.19
CA LYS A 26 -14.34 -8.37 10.05
C LYS A 26 -15.76 -7.84 10.25
N GLU A 27 -16.30 -8.00 11.46
CA GLU A 27 -17.63 -7.47 11.76
C GLU A 27 -17.69 -5.97 11.49
N GLU A 28 -16.69 -5.23 11.98
CA GLU A 28 -16.71 -3.78 11.82
C GLU A 28 -16.50 -3.38 10.36
N PHE A 29 -15.62 -4.09 9.66
CA PHE A 29 -15.42 -3.83 8.23
C PHE A 29 -16.70 -4.06 7.45
N LEU A 30 -17.39 -5.16 7.72
CA LEU A 30 -18.56 -5.51 6.92
C LEU A 30 -19.69 -4.52 7.13
N LYS A 31 -19.83 -3.97 8.34
CA LYS A 31 -20.89 -2.99 8.57
C LYS A 31 -20.68 -1.76 7.69
N LYS A 32 -19.45 -1.26 7.63
CA LYS A 32 -19.16 -0.12 6.76
C LYS A 32 -19.17 -0.50 5.29
N TRP A 33 -18.73 -1.72 4.98
CA TRP A 33 -18.71 -2.19 3.60
C TRP A 33 -20.12 -2.21 3.02
N GLU A 34 -21.09 -2.61 3.83
CA GLU A 34 -22.46 -2.73 3.32
C GLU A 34 -23.18 -1.40 3.26
N SER A 35 -22.72 -0.39 4.01
CA SER A 35 -23.37 0.93 4.04
C SER A 35 -22.29 1.99 3.96
N PRO A 36 -21.71 2.20 2.78
CA PRO A 36 -20.54 3.09 2.70
C PRO A 36 -20.90 4.55 2.94
N SER A 37 -20.00 5.27 3.59
N SER A 37 -19.97 5.26 3.55
CA SER A 37 -20.17 6.71 3.73
CA SER A 37 -20.09 6.70 3.73
C SER A 37 -19.97 7.39 2.39
C SER A 37 -19.92 7.42 2.40
N GLN A 38 -20.67 8.50 2.21
CA GLN A 38 -20.62 9.28 0.98
C GLN A 38 -20.70 10.76 1.31
N ASN A 39 -20.02 11.57 0.49
CA ASN A 39 -20.29 13.01 0.42
C ASN A 39 -20.10 13.69 1.78
N THR A 40 -18.92 13.50 2.38
CA THR A 40 -18.69 13.98 3.74
C THR A 40 -17.85 15.25 3.81
N ALA A 41 -17.50 15.86 2.68
CA ALA A 41 -16.89 17.19 2.66
C ALA A 41 -17.14 17.79 1.27
N GLN A 42 -16.53 18.96 1.01
CA GLN A 42 -16.57 19.52 -0.32
C GLN A 42 -15.30 20.34 -0.55
N LEU A 43 -15.03 20.64 -1.83
CA LEU A 43 -13.70 21.13 -2.19
C LEU A 43 -13.43 22.49 -1.57
N ASP A 44 -14.42 23.36 -1.49
CA ASP A 44 -14.13 24.71 -0.99
C ASP A 44 -14.07 24.77 0.52
N HIS A 45 -14.10 23.63 1.20
CA HIS A 45 -13.74 23.57 2.61
C HIS A 45 -12.24 23.52 2.84
N PHE A 46 -11.45 23.41 1.77
CA PHE A 46 -10.01 23.24 1.87
C PHE A 46 -9.28 24.30 1.05
N ASP A 47 -8.08 24.65 1.52
CA ASP A 47 -7.10 25.41 0.75
C ASP A 47 -6.11 24.45 0.13
N ARG A 48 -5.78 24.65 -1.13
CA ARG A 48 -4.76 23.84 -1.79
C ARG A 48 -3.38 24.39 -1.47
N ILE A 49 -2.43 23.50 -1.15
N ILE A 49 -2.45 23.51 -1.11
CA ILE A 49 -1.09 23.91 -0.71
CA ILE A 49 -1.10 23.90 -0.72
C ILE A 49 -0.01 23.48 -1.69
C ILE A 49 -0.08 23.50 -1.78
N LYS A 50 0.03 22.21 -2.08
CA LYS A 50 1.12 21.71 -2.89
C LYS A 50 0.77 20.37 -3.48
N THR A 51 1.26 20.10 -4.69
CA THR A 51 1.11 18.78 -5.28
C THR A 51 2.19 17.86 -4.71
N LEU A 52 1.75 16.71 -4.17
CA LEU A 52 2.67 15.74 -3.61
C LEU A 52 3.00 14.60 -4.56
N GLY A 53 2.17 14.38 -5.58
CA GLY A 53 2.38 13.30 -6.53
C GLY A 53 1.35 13.41 -7.63
N THR A 54 1.69 12.83 -8.79
N THR A 54 1.70 12.87 -8.79
CA THR A 54 0.77 12.95 -9.92
CA THR A 54 0.85 12.92 -9.97
C THR A 54 0.99 11.79 -10.89
C THR A 54 0.80 11.53 -10.61
N GLY A 55 -0.09 11.39 -11.56
CA GLY A 55 -0.14 10.18 -12.36
C GLY A 55 -1.07 10.29 -13.55
N SER A 56 -1.42 9.13 -14.11
CA SER A 56 -2.15 9.09 -15.38
C SER A 56 -3.55 9.71 -15.26
N PHE A 57 -4.26 9.43 -14.17
CA PHE A 57 -5.62 9.90 -14.02
C PHE A 57 -5.87 10.61 -12.69
N GLY A 58 -4.85 10.79 -11.86
CA GLY A 58 -5.06 11.40 -10.55
C GLY A 58 -3.82 12.09 -10.02
N ARG A 59 -4.04 12.85 -8.96
CA ARG A 59 -2.99 13.58 -8.25
C ARG A 59 -3.22 13.42 -6.76
N VAL A 60 -2.20 13.72 -5.97
CA VAL A 60 -2.36 13.83 -4.53
C VAL A 60 -1.85 15.20 -4.13
N MET A 61 -2.70 15.94 -3.42
N MET A 61 -2.69 15.96 -3.43
CA MET A 61 -2.42 17.28 -2.97
CA MET A 61 -2.37 17.34 -3.05
C MET A 61 -2.28 17.31 -1.46
C MET A 61 -2.44 17.52 -1.54
N LEU A 62 -1.45 18.23 -0.98
CA LEU A 62 -1.53 18.67 0.40
C LEU A 62 -2.57 19.78 0.47
N VAL A 63 -3.55 19.63 1.35
CA VAL A 63 -4.58 20.65 1.54
C VAL A 63 -4.67 20.97 3.02
N LYS A 64 -5.28 22.12 3.33
CA LYS A 64 -5.54 22.52 4.70
C LYS A 64 -7.02 22.80 4.86
N HIS A 65 -7.65 22.21 5.88
CA HIS A 65 -9.05 22.48 6.15
C HIS A 65 -9.20 23.90 6.68
N LYS A 66 -10.10 24.67 6.09
CA LYS A 66 -10.12 26.11 6.35
C LYS A 66 -10.65 26.43 7.75
N GLU A 67 -11.48 25.57 8.32
CA GLU A 67 -12.04 25.79 9.65
C GLU A 67 -11.13 25.27 10.75
N THR A 68 -10.66 24.02 10.63
CA THR A 68 -9.88 23.39 11.68
C THR A 68 -8.38 23.66 11.58
N GLY A 69 -7.90 24.02 10.40
CA GLY A 69 -6.48 24.13 10.15
C GLY A 69 -5.76 22.82 9.96
N ASN A 70 -6.47 21.69 9.98
CA ASN A 70 -5.83 20.39 9.83
C ASN A 70 -5.33 20.19 8.40
N HIS A 71 -4.21 19.48 8.29
CA HIS A 71 -3.67 19.15 6.99
C HIS A 71 -4.12 17.76 6.56
N TYR A 72 -4.31 17.60 5.26
CA TYR A 72 -4.70 16.32 4.69
C TYR A 72 -4.03 16.12 3.35
N ALA A 73 -3.94 14.86 2.93
CA ALA A 73 -3.52 14.52 1.57
C ALA A 73 -4.77 14.18 0.77
N MET A 74 -5.08 15.01 -0.23
CA MET A 74 -6.31 14.89 -1.00
C MET A 74 -5.97 14.25 -2.34
N LYS A 75 -6.45 13.02 -2.54
CA LYS A 75 -6.30 12.33 -3.82
C LYS A 75 -7.44 12.76 -4.73
N ILE A 76 -7.10 13.28 -5.90
CA ILE A 76 -8.05 13.83 -6.85
C ILE A 76 -7.98 12.99 -8.12
N LEU A 77 -9.09 12.36 -8.49
CA LEU A 77 -9.15 11.57 -9.71
C LEU A 77 -10.08 12.24 -10.72
N ASP A 78 -9.59 12.41 -11.93
CA ASP A 78 -10.38 12.97 -13.04
C ASP A 78 -11.30 11.86 -13.56
N LYS A 79 -12.62 12.07 -13.43
CA LYS A 79 -13.58 11.02 -13.80
C LYS A 79 -13.43 10.61 -15.26
N GLN A 80 -13.29 11.59 -16.16
CA GLN A 80 -13.19 11.25 -17.57
C GLN A 80 -11.95 10.42 -17.85
N LYS A 81 -10.83 10.73 -17.18
CA LYS A 81 -9.61 9.96 -17.40
C LYS A 81 -9.70 8.58 -16.75
N VAL A 82 -10.35 8.47 -15.60
CA VAL A 82 -10.57 7.16 -14.99
C VAL A 82 -11.31 6.25 -15.95
N VAL A 83 -12.36 6.78 -16.59
CA VAL A 83 -13.13 6.00 -17.56
C VAL A 83 -12.25 5.59 -18.74
N LYS A 84 -11.50 6.55 -19.30
CA LYS A 84 -10.69 6.24 -20.48
C LYS A 84 -9.64 5.17 -20.18
N LEU A 85 -9.03 5.21 -18.99
CA LEU A 85 -8.02 4.23 -18.64
C LEU A 85 -8.61 2.99 -17.99
N LYS A 86 -9.92 2.80 -18.09
CA LYS A 86 -10.61 1.59 -17.64
C LYS A 86 -10.35 1.30 -16.16
N GLN A 87 -10.44 2.35 -15.33
CA GLN A 87 -10.20 2.22 -13.90
C GLN A 87 -11.45 2.49 -13.07
N ILE A 88 -12.65 2.38 -13.65
CA ILE A 88 -13.86 2.70 -12.91
C ILE A 88 -14.02 1.78 -11.71
N GLU A 89 -14.03 0.47 -11.96
CA GLU A 89 -14.24 -0.49 -10.89
C GLU A 89 -13.14 -0.37 -9.84
N HIS A 90 -11.90 -0.14 -10.30
CA HIS A 90 -10.77 0.00 -9.38
C HIS A 90 -10.94 1.20 -8.46
N THR A 91 -11.41 2.34 -9.00
CA THR A 91 -11.56 3.52 -8.14
C THR A 91 -12.72 3.35 -7.17
N LEU A 92 -13.78 2.66 -7.59
CA LEU A 92 -14.88 2.36 -6.68
C LEU A 92 -14.44 1.39 -5.58
N ASN A 93 -13.64 0.39 -5.95
CA ASN A 93 -12.99 -0.49 -4.95
C ASN A 93 -12.23 0.34 -3.93
N GLU A 94 -11.36 1.23 -4.43
CA GLU A 94 -10.47 1.98 -3.54
C GLU A 94 -11.24 2.72 -2.47
N LYS A 95 -12.25 3.48 -2.88
CA LYS A 95 -12.98 4.29 -1.91
C LYS A 95 -13.83 3.42 -0.99
N ARG A 96 -14.48 2.39 -1.53
CA ARG A 96 -15.34 1.57 -0.68
C ARG A 96 -14.53 0.82 0.37
N ILE A 97 -13.35 0.31 -0.01
CA ILE A 97 -12.48 -0.35 0.95
C ILE A 97 -11.94 0.64 1.97
N LEU A 98 -11.41 1.79 1.50
CA LEU A 98 -10.77 2.71 2.43
C LEU A 98 -11.74 3.24 3.47
N GLN A 99 -12.99 3.51 3.09
CA GLN A 99 -13.91 3.99 4.11
C GLN A 99 -14.34 2.89 5.07
N ALA A 100 -14.03 1.62 4.79
CA ALA A 100 -14.46 0.53 5.65
C ALA A 100 -13.37 -0.06 6.53
N VAL A 101 -12.08 0.18 6.25
CA VAL A 101 -11.01 -0.47 7.00
C VAL A 101 -10.56 0.41 8.16
N ASN A 102 -9.85 -0.21 9.10
CA ASN A 102 -9.37 0.46 10.29
C ASN A 102 -8.22 -0.38 10.84
N PHE A 103 -6.98 0.11 10.71
CA PHE A 103 -5.83 -0.66 11.16
C PHE A 103 -4.68 0.32 11.38
N PRO A 104 -3.80 0.10 12.37
CA PRO A 104 -2.81 1.13 12.72
C PRO A 104 -1.87 1.50 11.59
N PHE A 105 -1.63 0.60 10.64
CA PHE A 105 -0.64 0.84 9.60
C PHE A 105 -1.27 1.11 8.25
N LEU A 106 -2.55 1.50 8.23
CA LEU A 106 -3.23 1.93 7.01
C LEU A 106 -3.54 3.41 7.11
N VAL A 107 -3.21 4.17 6.06
CA VAL A 107 -3.57 5.58 6.05
C VAL A 107 -5.09 5.69 6.14
N LYS A 108 -5.56 6.62 6.96
CA LYS A 108 -6.98 6.75 7.25
C LYS A 108 -7.65 7.70 6.26
N LEU A 109 -8.79 7.26 5.73
CA LEU A 109 -9.64 8.12 4.92
C LEU A 109 -10.50 8.96 5.86
N GLU A 110 -10.40 10.29 5.74
CA GLU A 110 -11.16 11.18 6.59
C GLU A 110 -12.43 11.70 5.94
N PHE A 111 -12.38 12.00 4.64
CA PHE A 111 -13.56 12.46 3.91
C PHE A 111 -13.52 11.92 2.49
N SER A 112 -14.68 11.86 1.85
CA SER A 112 -14.71 11.66 0.41
C SER A 112 -15.89 12.43 -0.15
N PHE A 113 -15.79 12.75 -1.44
CA PHE A 113 -16.85 13.45 -2.14
C PHE A 113 -16.49 13.49 -3.61
N LYS A 114 -17.43 14.00 -4.41
CA LYS A 114 -17.25 14.11 -5.84
C LYS A 114 -17.94 15.39 -6.30
N ASP A 115 -17.56 15.85 -7.48
CA ASP A 115 -18.21 17.02 -8.09
C ASP A 115 -18.36 16.72 -9.58
N ASN A 116 -18.64 17.76 -10.39
CA ASN A 116 -18.91 17.49 -11.80
C ASN A 116 -17.75 16.82 -12.50
N SER A 117 -16.51 17.04 -12.06
CA SER A 117 -15.35 16.58 -12.79
C SER A 117 -14.56 15.48 -12.09
N ASN A 118 -14.47 15.52 -10.76
CA ASN A 118 -13.48 14.73 -10.06
C ASN A 118 -14.09 13.90 -8.95
N LEU A 119 -13.32 12.89 -8.54
CA LEU A 119 -13.55 12.16 -7.30
C LEU A 119 -12.48 12.58 -6.31
N TYR A 120 -12.83 12.67 -5.02
CA TYR A 120 -11.90 13.13 -4.01
C TYR A 120 -11.86 12.18 -2.83
N MET A 121 -10.66 11.81 -2.40
CA MET A 121 -10.46 11.04 -1.18
C MET A 121 -9.48 11.82 -0.33
N VAL A 122 -9.96 12.29 0.82
CA VAL A 122 -9.18 13.15 1.71
C VAL A 122 -8.63 12.26 2.82
N MET A 123 -7.32 12.05 2.82
N MET A 123 -7.31 12.07 2.82
CA MET A 123 -6.66 11.16 3.74
CA MET A 123 -6.61 11.15 3.70
C MET A 123 -5.84 11.94 4.76
C MET A 123 -5.80 11.92 4.73
N GLU A 124 -5.48 11.26 5.84
CA GLU A 124 -4.53 11.82 6.79
C GLU A 124 -3.23 12.10 6.04
N TYR A 125 -2.57 13.21 6.37
CA TYR A 125 -1.29 13.55 5.77
C TYR A 125 -0.18 13.00 6.64
N VAL A 126 0.76 12.29 6.01
CA VAL A 126 1.90 11.68 6.69
C VAL A 126 3.17 12.40 6.21
N PRO A 127 3.76 13.29 7.02
CA PRO A 127 4.82 14.19 6.49
C PRO A 127 6.18 13.54 6.31
N GLY A 128 6.39 12.33 6.81
CA GLY A 128 7.71 11.72 6.74
C GLY A 128 8.12 11.27 5.35
N GLY A 129 7.18 11.18 4.41
CA GLY A 129 7.52 10.83 3.05
C GLY A 129 7.45 9.33 2.81
N GLU A 130 7.80 8.96 1.57
CA GLU A 130 7.74 7.57 1.13
C GLU A 130 8.96 6.79 1.60
N MET A 131 8.74 5.52 1.97
CA MET A 131 9.88 4.65 2.25
C MET A 131 10.86 4.65 1.08
N PHE A 132 10.34 4.69 -0.14
CA PHE A 132 11.19 4.71 -1.34
C PHE A 132 12.28 5.76 -1.25
N SER A 133 11.91 6.99 -0.89
N SER A 133 11.93 6.99 -0.85
CA SER A 133 12.91 8.05 -0.79
CA SER A 133 12.93 8.05 -0.82
C SER A 133 13.96 7.73 0.25
C SER A 133 13.96 7.82 0.28
N HIS A 134 13.54 7.28 1.42
CA HIS A 134 14.50 7.01 2.48
C HIS A 134 15.40 5.84 2.13
N LEU A 135 14.84 4.81 1.50
CA LEU A 135 15.65 3.66 1.10
C LEU A 135 16.70 4.07 0.07
N ARG A 136 16.29 4.86 -0.92
CA ARG A 136 17.25 5.30 -1.93
C ARG A 136 18.29 6.25 -1.37
N ARG A 137 17.93 7.03 -0.35
N ARG A 137 17.90 7.08 -0.41
CA ARG A 137 18.92 7.94 0.24
CA ARG A 137 18.84 7.97 0.25
C ARG A 137 19.89 7.22 1.17
C ARG A 137 19.97 7.17 0.89
N ILE A 138 19.42 6.18 1.88
N ILE A 138 19.64 6.31 1.85
CA ILE A 138 20.32 5.45 2.78
CA ILE A 138 20.67 5.64 2.64
C ILE A 138 21.11 4.40 2.01
C ILE A 138 21.20 4.37 1.98
N GLY A 139 20.55 3.88 0.93
CA GLY A 139 21.13 2.80 0.15
C GLY A 139 20.43 1.48 0.40
N ARG A 140 20.59 0.95 1.60
CA ARG A 140 19.82 -0.22 2.02
C ARG A 140 19.59 -0.12 3.52
N PHE A 141 18.57 -0.84 3.98
CA PHE A 141 18.26 -0.93 5.40
C PHE A 141 18.96 -2.14 5.99
N SEP A 142 19.43 -2.01 7.23
CA SEP A 142 19.93 -3.17 7.96
CB SEP A 142 20.45 -2.76 9.33
OG SEP A 142 19.34 -2.39 10.13
C SEP A 142 18.80 -4.19 8.12
O SEP A 142 17.63 -3.85 8.00
P SEP A 142 19.71 -1.61 11.50
O1P SEP A 142 18.36 -1.29 12.29
O2P SEP A 142 20.66 -2.53 12.38
O3P SEP A 142 20.46 -0.23 11.08
N GLU A 143 19.14 -5.44 8.42
CA GLU A 143 18.05 -6.42 8.56
C GLU A 143 17.09 -6.07 9.71
N PRO A 144 17.55 -5.57 10.87
CA PRO A 144 16.57 -5.17 11.89
C PRO A 144 15.62 -4.09 11.42
N HIS A 145 16.16 -3.12 10.68
CA HIS A 145 15.37 -2.03 10.11
C HIS A 145 14.35 -2.57 9.12
N ALA A 146 14.81 -3.39 8.17
CA ALA A 146 13.88 -4.00 7.21
C ALA A 146 12.85 -4.86 7.93
N ARG A 147 13.27 -5.56 8.99
CA ARG A 147 12.37 -6.45 9.73
C ARG A 147 11.28 -5.69 10.46
N PHE A 148 11.60 -4.52 11.01
CA PHE A 148 10.59 -3.69 11.66
C PHE A 148 9.48 -3.32 10.68
N TYR A 149 9.84 -2.86 9.49
CA TYR A 149 8.85 -2.54 8.46
C TYR A 149 8.13 -3.79 7.97
N ALA A 150 8.87 -4.88 7.74
CA ALA A 150 8.26 -6.11 7.23
C ALA A 150 7.20 -6.61 8.19
N ALA A 151 7.49 -6.57 9.49
CA ALA A 151 6.52 -7.05 10.48
C ALA A 151 5.22 -6.27 10.39
N GLN A 152 5.32 -4.96 10.15
CA GLN A 152 4.10 -4.17 10.01
C GLN A 152 3.30 -4.58 8.79
N ILE A 153 3.99 -4.90 7.68
CA ILE A 153 3.29 -5.35 6.48
C ILE A 153 2.67 -6.73 6.71
N VAL A 154 3.37 -7.62 7.43
CA VAL A 154 2.80 -8.94 7.71
C VAL A 154 1.49 -8.79 8.48
N LEU A 155 1.49 -7.98 9.53
CA LEU A 155 0.26 -7.75 10.29
C LEU A 155 -0.83 -7.09 9.46
N THR A 156 -0.45 -6.13 8.62
N THR A 156 -0.46 -6.12 8.61
CA THR A 156 -1.42 -5.46 7.76
CA THR A 156 -1.48 -5.49 7.77
C THR A 156 -2.05 -6.42 6.76
C THR A 156 -2.07 -6.47 6.79
N PHE A 157 -1.25 -7.30 6.16
CA PHE A 157 -1.79 -8.29 5.23
C PHE A 157 -2.61 -9.36 5.96
N GLU A 158 -2.22 -9.72 7.18
CA GLU A 158 -3.06 -10.62 7.97
C GLU A 158 -4.45 -10.00 8.16
N TYR A 159 -4.48 -8.72 8.51
CA TYR A 159 -5.74 -8.00 8.66
C TYR A 159 -6.52 -7.94 7.34
N LEU A 160 -5.89 -7.44 6.28
N LEU A 160 -5.88 -7.45 6.28
CA LEU A 160 -6.60 -7.29 5.00
CA LEU A 160 -6.54 -7.28 4.99
C LEU A 160 -7.08 -8.64 4.47
C LEU A 160 -7.06 -8.61 4.46
N HIS A 161 -6.22 -9.65 4.50
CA HIS A 161 -6.61 -10.94 3.93
C HIS A 161 -7.76 -11.57 4.73
N SER A 162 -7.83 -11.31 6.04
N SER A 162 -7.81 -11.35 6.05
CA SER A 162 -8.93 -11.84 6.85
CA SER A 162 -8.93 -11.84 6.83
C SER A 162 -10.26 -11.20 6.49
C SER A 162 -10.25 -11.28 6.32
N LEU A 163 -10.24 -10.01 5.89
CA LEU A 163 -11.40 -9.34 5.34
C LEU A 163 -11.67 -9.73 3.90
N ASP A 164 -10.93 -10.71 3.37
CA ASP A 164 -11.01 -11.12 1.97
C ASP A 164 -10.54 -10.02 1.03
N LEU A 165 -9.64 -9.16 1.47
CA LEU A 165 -9.10 -8.09 0.64
C LEU A 165 -7.72 -8.48 0.15
N ILE A 166 -7.45 -8.27 -1.14
CA ILE A 166 -6.10 -8.37 -1.70
C ILE A 166 -5.63 -6.93 -1.96
N TYR A 167 -4.38 -6.64 -1.62
CA TYR A 167 -3.89 -5.28 -1.71
C TYR A 167 -3.34 -4.95 -3.10
N ARG A 168 -2.44 -5.78 -3.63
CA ARG A 168 -1.99 -5.78 -5.02
C ARG A 168 -1.18 -4.56 -5.45
N ASP A 169 -0.68 -3.75 -4.52
CA ASP A 169 0.21 -2.68 -4.97
C ASP A 169 1.34 -2.44 -3.97
N LEU A 170 1.84 -3.50 -3.34
CA LEU A 170 2.94 -3.32 -2.40
C LEU A 170 4.21 -2.93 -3.15
N LYS A 171 4.81 -1.82 -2.73
CA LYS A 171 6.07 -1.31 -3.26
C LYS A 171 6.50 -0.17 -2.35
N PRO A 172 7.79 0.18 -2.35
CA PRO A 172 8.27 1.17 -1.38
C PRO A 172 7.62 2.54 -1.52
N GLU A 173 7.15 2.92 -2.72
CA GLU A 173 6.51 4.22 -2.90
C GLU A 173 5.18 4.34 -2.18
N ASN A 174 4.53 3.22 -1.89
CA ASN A 174 3.23 3.24 -1.24
C ASN A 174 3.31 3.11 0.28
N LEU A 175 4.50 3.09 0.86
CA LEU A 175 4.65 2.94 2.30
C LEU A 175 5.17 4.27 2.84
N LEU A 176 4.31 5.01 3.53
CA LEU A 176 4.74 6.28 4.10
C LEU A 176 5.25 6.05 5.52
N ILE A 177 6.21 6.87 5.92
N ILE A 177 6.20 6.88 5.91
CA ILE A 177 6.79 6.77 7.26
CA ILE A 177 6.81 6.82 7.24
C ILE A 177 6.28 7.93 8.10
C ILE A 177 6.22 7.95 8.07
N ASP A 178 5.64 7.60 9.22
CA ASP A 178 4.93 8.60 10.00
C ASP A 178 5.84 9.20 11.07
N GLN A 179 5.26 10.05 11.93
CA GLN A 179 6.06 10.82 12.87
C GLN A 179 6.69 9.96 13.95
N GLN A 180 6.21 8.73 14.13
CA GLN A 180 6.78 7.77 15.07
C GLN A 180 7.72 6.80 14.37
N GLY A 181 7.93 6.97 13.07
CA GLY A 181 8.75 6.05 12.30
C GLY A 181 8.06 4.77 11.88
N TYR A 182 6.74 4.67 12.06
CA TYR A 182 5.98 3.51 11.62
C TYR A 182 5.46 3.69 10.19
N ILE A 183 5.10 2.57 9.57
N ILE A 183 5.09 2.56 9.58
CA ILE A 183 4.58 2.52 8.21
CA ILE A 183 4.55 2.50 8.22
C ILE A 183 3.10 2.88 8.20
C ILE A 183 3.08 2.90 8.21
N GLN A 184 2.68 3.64 7.19
CA GLN A 184 1.27 3.83 6.85
C GLN A 184 1.13 3.47 5.38
N VAL A 185 0.35 2.44 5.07
CA VAL A 185 0.18 1.99 3.69
C VAL A 185 -0.84 2.89 3.01
N THR A 186 -0.47 3.42 1.84
CA THR A 186 -1.36 4.27 1.07
C THR A 186 -1.54 3.68 -0.32
N ASP A 187 -2.53 4.22 -1.02
CA ASP A 187 -2.91 3.84 -2.38
C ASP A 187 -3.59 2.48 -2.43
N PHE A 188 -4.91 2.50 -2.32
CA PHE A 188 -5.72 1.29 -2.48
C PHE A 188 -6.34 1.18 -3.87
N GLY A 189 -5.68 1.80 -4.87
CA GLY A 189 -6.22 1.80 -6.22
C GLY A 189 -6.39 0.43 -6.85
N PHE A 190 -5.61 -0.55 -6.42
CA PHE A 190 -5.73 -1.92 -6.92
C PHE A 190 -6.31 -2.87 -5.88
N ALA A 191 -6.66 -2.41 -4.69
CA ALA A 191 -7.18 -3.32 -3.68
C ALA A 191 -8.58 -3.80 -4.07
N LYS A 192 -8.88 -5.04 -3.72
CA LYS A 192 -10.15 -5.62 -4.15
C LYS A 192 -10.62 -6.64 -3.12
N ARG A 193 -11.93 -6.69 -2.89
CA ARG A 193 -12.50 -7.76 -2.09
C ARG A 193 -12.70 -8.97 -2.98
N VAL A 194 -12.04 -10.08 -2.63
CA VAL A 194 -11.91 -11.26 -3.49
C VAL A 194 -12.11 -12.47 -2.59
N LYS A 195 -13.21 -13.19 -2.79
CA LYS A 195 -13.36 -14.54 -2.27
C LYS A 195 -13.06 -15.46 -3.44
N GLY A 196 -11.88 -16.05 -3.42
CA GLY A 196 -11.48 -16.94 -4.48
C GLY A 196 -10.36 -16.34 -5.28
N ARG A 197 -10.51 -16.32 -6.59
CA ARG A 197 -9.50 -15.82 -7.49
C ARG A 197 -9.96 -14.54 -8.19
N THR A 198 -9.01 -13.83 -8.75
CA THR A 198 -9.26 -12.65 -9.56
C THR A 198 -8.24 -12.64 -10.69
N TRP A 199 -8.48 -11.82 -11.72
CA TRP A 199 -7.72 -11.95 -12.97
C TRP A 199 -7.07 -10.68 -13.53
N TPO A 200 -7.29 -9.51 -12.92
CA TPO A 200 -6.82 -8.29 -13.58
CB TPO A 200 -7.39 -7.02 -12.92
CG2 TPO A 200 -7.09 -5.76 -13.71
OG1 TPO A 200 -8.77 -7.17 -12.84
P TPO A 200 -9.50 -7.30 -11.34
O1P TPO A 200 -9.22 -5.93 -10.74
O2P TPO A 200 -10.98 -7.59 -11.67
O3P TPO A 200 -8.77 -8.45 -10.63
C TPO A 200 -5.30 -8.17 -13.58
O TPO A 200 -4.70 -8.37 -12.52
N LEU A 201 -4.74 -7.75 -14.71
CA LEU A 201 -3.32 -7.44 -14.74
C LEU A 201 -3.11 -6.04 -14.16
N CYS A 202 -2.52 -5.97 -12.98
CA CYS A 202 -2.22 -4.69 -12.36
C CYS A 202 -1.08 -4.86 -11.36
N GLY A 203 -0.40 -3.76 -11.08
CA GLY A 203 0.77 -3.74 -10.23
C GLY A 203 2.02 -3.26 -10.96
N THR A 204 3.05 -2.87 -10.19
N THR A 204 3.04 -2.93 -10.18
CA THR A 204 4.30 -2.46 -10.82
CA THR A 204 4.29 -2.50 -10.77
C THR A 204 5.12 -3.70 -11.19
C THR A 204 5.14 -3.70 -11.17
N PRO A 205 5.77 -3.69 -12.36
CA PRO A 205 6.42 -4.92 -12.86
C PRO A 205 7.35 -5.62 -11.89
N GLU A 206 8.21 -4.89 -11.16
CA GLU A 206 9.19 -5.56 -10.31
C GLU A 206 8.54 -6.36 -9.19
N TYR A 207 7.29 -6.07 -8.86
CA TYR A 207 6.62 -6.68 -7.72
C TYR A 207 5.57 -7.71 -8.10
N LEU A 208 5.38 -7.98 -9.39
CA LEU A 208 4.34 -8.89 -9.84
C LEU A 208 4.70 -10.35 -9.59
N ALA A 209 3.77 -11.10 -9.01
CA ALA A 209 3.95 -12.54 -8.87
C ALA A 209 3.90 -13.23 -10.24
N PRO A 210 4.55 -14.39 -10.36
CA PRO A 210 4.52 -15.11 -11.65
C PRO A 210 3.12 -15.39 -12.15
N GLU A 211 2.18 -15.72 -11.26
CA GLU A 211 0.84 -16.06 -11.73
C GLU A 211 0.10 -14.86 -12.29
N ILE A 212 0.50 -13.63 -11.94
CA ILE A 212 -0.07 -12.46 -12.60
C ILE A 212 0.51 -12.32 -14.00
N ILE A 213 1.84 -12.42 -14.11
CA ILE A 213 2.50 -12.31 -15.42
C ILE A 213 1.98 -13.34 -16.39
N LEU A 214 1.64 -14.55 -15.90
CA LEU A 214 1.19 -15.62 -16.76
C LEU A 214 -0.32 -15.60 -16.98
N SER A 215 -1.00 -14.53 -16.57
CA SER A 215 -2.44 -14.35 -16.84
C SER A 215 -3.29 -15.46 -16.25
N LYS A 216 -2.91 -15.94 -15.07
CA LYS A 216 -3.71 -16.92 -14.36
C LYS A 216 -4.73 -16.22 -13.45
N GLY A 217 -5.73 -16.99 -13.01
CA GLY A 217 -6.54 -16.57 -11.90
C GLY A 217 -5.73 -16.68 -10.61
N TYR A 218 -5.54 -15.56 -9.92
CA TYR A 218 -4.65 -15.54 -8.76
C TYR A 218 -5.40 -15.11 -7.51
N ASN A 219 -4.75 -15.26 -6.36
CA ASN A 219 -5.39 -14.99 -5.08
C ASN A 219 -4.44 -14.19 -4.19
N LYS A 220 -4.73 -14.20 -2.89
CA LYS A 220 -3.98 -13.37 -1.94
C LYS A 220 -2.51 -13.75 -1.87
N ALA A 221 -2.13 -14.91 -2.40
CA ALA A 221 -0.72 -15.29 -2.41
C ALA A 221 0.15 -14.29 -3.15
N VAL A 222 -0.43 -13.48 -4.06
CA VAL A 222 0.39 -12.49 -4.76
C VAL A 222 0.88 -11.42 -3.80
N ASP A 223 0.15 -11.15 -2.71
CA ASP A 223 0.62 -10.17 -1.74
C ASP A 223 1.84 -10.69 -1.00
N TRP A 224 1.87 -11.98 -0.70
CA TRP A 224 3.01 -12.55 0.01
C TRP A 224 4.24 -12.62 -0.90
N TRP A 225 4.05 -12.89 -2.19
CA TRP A 225 5.16 -12.74 -3.13
C TRP A 225 5.71 -11.32 -3.10
N ALA A 226 4.82 -10.34 -3.21
CA ALA A 226 5.26 -8.95 -3.20
C ALA A 226 6.00 -8.60 -1.90
N LEU A 227 5.58 -9.17 -0.77
CA LEU A 227 6.32 -8.96 0.47
C LEU A 227 7.74 -9.47 0.35
N GLY A 228 7.92 -10.64 -0.28
CA GLY A 228 9.27 -11.13 -0.52
C GLY A 228 10.09 -10.16 -1.35
N VAL A 229 9.49 -9.57 -2.39
CA VAL A 229 10.21 -8.58 -3.20
C VAL A 229 10.57 -7.37 -2.36
N LEU A 230 9.63 -6.89 -1.55
CA LEU A 230 9.86 -5.72 -0.70
C LEU A 230 10.98 -5.98 0.30
N ILE A 231 10.95 -7.13 0.98
CA ILE A 231 11.99 -7.41 1.97
C ILE A 231 13.35 -7.48 1.29
N TYR A 232 13.42 -8.16 0.14
CA TYR A 232 14.66 -8.22 -0.61
C TYR A 232 15.15 -6.82 -0.94
N GLU A 233 14.25 -5.98 -1.48
CA GLU A 233 14.66 -4.64 -1.88
C GLU A 233 15.08 -3.80 -0.69
N MET A 234 14.36 -3.91 0.43
CA MET A 234 14.77 -3.15 1.62
C MET A 234 16.17 -3.55 2.07
N ALA A 235 16.48 -4.85 2.04
CA ALA A 235 17.73 -5.35 2.61
C ALA A 235 18.91 -5.27 1.65
N ALA A 236 18.65 -5.31 0.35
CA ALA A 236 19.68 -5.21 -0.69
C ALA A 236 19.85 -3.80 -1.23
N GLY A 237 18.77 -3.02 -1.29
CA GLY A 237 18.79 -1.72 -1.92
C GLY A 237 18.27 -1.70 -3.34
N TYR A 238 17.95 -2.87 -3.89
CA TYR A 238 17.46 -3.03 -5.25
C TYR A 238 16.60 -4.28 -5.28
N PRO A 239 15.66 -4.39 -6.23
CA PRO A 239 14.74 -5.53 -6.22
C PRO A 239 15.37 -6.77 -6.84
N PRO A 240 14.82 -7.94 -6.52
CA PRO A 240 15.48 -9.21 -6.90
C PRO A 240 15.44 -9.54 -8.38
N PHE A 241 14.46 -9.05 -9.12
CA PHE A 241 14.33 -9.41 -10.54
C PHE A 241 14.61 -8.22 -11.46
N PHE A 242 15.52 -7.34 -11.03
CA PHE A 242 15.75 -6.10 -11.73
C PHE A 242 16.26 -6.33 -13.16
N ALA A 243 15.74 -5.55 -14.08
CA ALA A 243 16.23 -5.51 -15.45
C ALA A 243 15.72 -4.23 -16.10
N ASP A 244 16.24 -3.94 -17.31
CA ASP A 244 16.03 -2.63 -17.90
C ASP A 244 14.61 -2.45 -18.44
N GLN A 245 14.04 -3.50 -19.02
CA GLN A 245 12.71 -3.44 -19.62
C GLN A 245 11.76 -4.41 -18.92
N PRO A 246 10.46 -4.09 -18.86
CA PRO A 246 9.51 -5.01 -18.22
C PRO A 246 9.55 -6.43 -18.77
N ILE A 247 9.76 -6.61 -20.07
CA ILE A 247 9.78 -7.95 -20.64
C ILE A 247 10.89 -8.78 -20.01
N GLN A 248 12.05 -8.16 -19.77
CA GLN A 248 13.17 -8.87 -19.16
C GLN A 248 12.94 -9.11 -17.67
N ILE A 249 12.26 -8.18 -17.01
CA ILE A 249 11.86 -8.38 -15.62
C ILE A 249 10.95 -9.59 -15.51
N TYR A 250 9.97 -9.68 -16.41
CA TYR A 250 9.01 -10.77 -16.38
C TYR A 250 9.69 -12.12 -16.57
N GLU A 251 10.65 -12.20 -17.49
CA GLU A 251 11.39 -13.45 -17.67
C GLU A 251 12.12 -13.88 -16.40
N LYS A 252 12.71 -12.92 -15.69
CA LYS A 252 13.40 -13.27 -14.46
C LYS A 252 12.40 -13.73 -13.40
N ILE A 253 11.26 -13.05 -13.29
CA ILE A 253 10.26 -13.42 -12.27
C ILE A 253 9.79 -14.86 -12.48
N VAL A 254 9.46 -15.24 -13.71
CA VAL A 254 8.91 -16.58 -13.90
C VAL A 254 9.96 -17.67 -13.84
N SER A 255 11.25 -17.32 -13.82
N SER A 255 11.23 -17.34 -14.06
CA SER A 255 12.33 -18.30 -13.97
CA SER A 255 12.28 -18.29 -13.72
C SER A 255 12.51 -19.20 -12.73
C SER A 255 12.45 -18.36 -12.22
N GLY A 256 12.14 -18.74 -11.55
N GLY A 256 12.09 -17.29 -11.52
CA GLY A 256 12.35 -19.54 -10.35
CA GLY A 256 12.31 -17.19 -10.10
C GLY A 256 13.74 -19.49 -9.78
C GLY A 256 13.75 -17.31 -9.68
N LYS A 257 14.52 -18.46 -10.09
N LYS A 257 14.68 -17.24 -10.61
CA LYS A 257 15.86 -18.28 -9.55
CA LYS A 257 16.10 -17.31 -10.27
C LYS A 257 16.04 -16.84 -9.07
C LYS A 257 16.45 -16.07 -9.45
N VAL A 258 16.86 -16.66 -8.04
N VAL A 258 16.78 -16.28 -8.18
CA VAL A 258 17.19 -15.36 -7.48
CA VAL A 258 17.10 -15.21 -7.25
C VAL A 258 18.59 -15.43 -6.90
C VAL A 258 18.54 -15.37 -6.81
N ARG A 259 19.32 -14.31 -6.95
CA ARG A 259 20.68 -14.23 -6.43
C ARG A 259 20.64 -13.38 -5.17
N PHE A 260 21.15 -13.93 -4.07
CA PHE A 260 21.14 -13.14 -2.84
C PHE A 260 22.50 -12.54 -2.58
N PRO A 261 22.56 -11.30 -2.11
CA PRO A 261 23.85 -10.73 -1.68
C PRO A 261 24.42 -11.56 -0.55
N SER A 262 25.75 -11.69 -0.55
CA SER A 262 26.41 -12.43 0.51
C SER A 262 26.14 -11.84 1.89
N HIS A 263 25.84 -10.54 1.98
CA HIS A 263 25.60 -10.00 3.31
C HIS A 263 24.26 -10.39 3.90
N PHE A 264 23.35 -10.96 3.12
CA PHE A 264 22.11 -11.48 3.68
C PHE A 264 22.39 -12.60 4.68
N SER A 265 21.68 -12.57 5.81
CA SER A 265 21.74 -13.68 6.74
C SER A 265 21.13 -14.94 6.14
N SER A 266 21.53 -16.09 6.66
CA SER A 266 20.95 -17.34 6.19
C SER A 266 19.45 -17.38 6.45
N ASP A 267 19.00 -16.84 7.60
CA ASP A 267 17.57 -16.82 7.88
C ASP A 267 16.81 -15.95 6.87
N LEU A 268 17.39 -14.81 6.48
CA LEU A 268 16.72 -13.96 5.51
C LEU A 268 16.59 -14.68 4.17
N LYS A 269 17.67 -15.31 3.70
CA LYS A 269 17.59 -16.04 2.44
C LYS A 269 16.54 -17.14 2.50
N ASP A 270 16.47 -17.84 3.63
CA ASP A 270 15.49 -18.93 3.73
C ASP A 270 14.08 -18.39 3.67
N LEU A 271 13.79 -17.30 4.39
CA LEU A 271 12.47 -16.69 4.31
C LEU A 271 12.15 -16.27 2.88
N LEU A 272 13.11 -15.63 2.21
CA LEU A 272 12.84 -15.09 0.88
C LEU A 272 12.64 -16.21 -0.14
N ARG A 273 13.37 -17.32 -0.02
CA ARG A 273 13.11 -18.46 -0.91
C ARG A 273 11.67 -18.94 -0.79
N ASN A 274 11.09 -18.84 0.41
CA ASN A 274 9.75 -19.33 0.65
C ASN A 274 8.66 -18.32 0.31
N LEU A 275 9.00 -17.02 0.35
CA LEU A 275 8.07 -16.01 -0.15
C LEU A 275 8.14 -15.87 -1.65
N LEU A 276 9.34 -15.96 -2.23
CA LEU A 276 9.55 -15.85 -3.67
C LEU A 276 9.49 -17.20 -4.33
N GLN A 277 8.53 -18.00 -3.89
CA GLN A 277 8.27 -19.33 -4.42
C GLN A 277 7.37 -19.19 -5.64
N VAL A 278 7.86 -19.63 -6.80
N VAL A 278 7.87 -19.62 -6.80
CA VAL A 278 7.10 -19.43 -8.04
CA VAL A 278 7.11 -19.46 -8.05
C VAL A 278 5.85 -20.29 -8.07
C VAL A 278 5.82 -20.26 -8.00
N ASP A 279 5.86 -21.43 -7.38
CA ASP A 279 4.67 -22.28 -7.25
C ASP A 279 3.81 -21.72 -6.10
N LEU A 280 2.69 -21.10 -6.46
CA LEU A 280 1.87 -20.44 -5.44
C LEU A 280 1.35 -21.42 -4.39
N THR A 281 1.22 -22.71 -4.75
CA THR A 281 0.72 -23.68 -3.78
C THR A 281 1.76 -24.03 -2.73
N LYS A 282 3.01 -23.59 -2.89
CA LYS A 282 4.09 -23.84 -1.95
C LYS A 282 4.59 -22.57 -1.28
N ARG A 283 3.95 -21.44 -1.52
CA ARG A 283 4.47 -20.15 -1.10
C ARG A 283 4.04 -19.84 0.32
N PHE A 284 5.00 -19.39 1.14
CA PHE A 284 4.67 -18.98 2.50
C PHE A 284 3.59 -17.91 2.49
N GLY A 285 2.67 -18.03 3.43
CA GLY A 285 1.48 -17.22 3.47
C GLY A 285 0.28 -17.91 2.83
N ASN A 286 0.53 -18.89 1.97
CA ASN A 286 -0.51 -19.58 1.25
C ASN A 286 -0.57 -21.07 1.59
N LEU A 287 0.11 -21.50 2.65
CA LEU A 287 0.06 -22.89 3.09
C LEU A 287 -1.01 -23.06 4.16
N LYS A 288 -1.13 -24.28 4.70
CA LYS A 288 -2.20 -24.57 5.65
C LYS A 288 -2.12 -23.67 6.89
N ASN A 289 -0.91 -23.35 7.35
CA ASN A 289 -0.77 -22.49 8.51
C ASN A 289 -0.82 -21.01 8.17
N GLY A 290 -1.00 -20.67 6.89
CA GLY A 290 -1.23 -19.28 6.53
C GLY A 290 -0.11 -18.37 6.99
N VAL A 291 -0.50 -17.24 7.58
CA VAL A 291 0.49 -16.22 7.95
C VAL A 291 1.43 -16.71 9.04
N ASN A 292 1.05 -17.74 9.81
CA ASN A 292 1.91 -18.13 10.91
C ASN A 292 3.21 -18.79 10.44
N ASP A 293 3.26 -19.33 9.22
CA ASP A 293 4.56 -19.78 8.71
C ASP A 293 5.53 -18.62 8.57
N ILE A 294 5.01 -17.44 8.29
CA ILE A 294 5.87 -16.25 8.22
C ILE A 294 6.19 -15.75 9.62
N LYS A 295 5.16 -15.57 10.46
CA LYS A 295 5.39 -15.00 11.78
C LYS A 295 6.31 -15.87 12.63
N ASN A 296 6.32 -17.18 12.40
CA ASN A 296 7.12 -18.11 13.19
C ASN A 296 8.47 -18.42 12.57
N HIS A 297 8.77 -17.82 11.41
CA HIS A 297 10.05 -18.05 10.78
C HIS A 297 11.18 -17.46 11.61
N LYS A 298 12.33 -18.15 11.56
CA LYS A 298 13.51 -17.71 12.32
C LYS A 298 13.89 -16.26 12.07
N TRP A 299 13.70 -15.74 10.85
CA TRP A 299 14.09 -14.36 10.62
C TRP A 299 13.30 -13.39 11.49
N PHE A 300 12.09 -13.78 11.93
CA PHE A 300 11.28 -12.95 12.79
C PHE A 300 11.37 -13.34 14.27
N ALA A 301 12.39 -14.12 14.65
CA ALA A 301 12.42 -14.62 16.03
C ALA A 301 12.49 -13.50 17.06
N THR A 302 13.14 -12.37 16.73
CA THR A 302 13.24 -11.26 17.66
C THR A 302 12.04 -10.33 17.64
N THR A 303 11.04 -10.60 16.78
CA THR A 303 9.91 -9.70 16.64
C THR A 303 8.84 -9.96 17.69
N ASP A 304 8.46 -8.91 18.41
CA ASP A 304 7.34 -8.93 19.35
C ASP A 304 6.13 -8.43 18.59
N TRP A 305 5.33 -9.36 18.06
CA TRP A 305 4.23 -9.00 17.18
C TRP A 305 3.21 -8.10 17.86
N ILE A 306 2.91 -8.39 19.13
CA ILE A 306 1.96 -7.57 19.87
C ILE A 306 2.51 -6.17 20.07
N ALA A 307 3.80 -6.05 20.40
CA ALA A 307 4.39 -4.75 20.65
C ALA A 307 4.44 -3.91 19.38
N ILE A 308 4.68 -4.55 18.22
CA ILE A 308 4.63 -3.83 16.95
C ILE A 308 3.23 -3.29 16.70
N TYR A 309 2.22 -4.15 16.85
CA TYR A 309 0.84 -3.72 16.62
C TYR A 309 0.47 -2.54 17.53
N GLN A 310 0.86 -2.62 18.80
CA GLN A 310 0.57 -1.56 19.75
C GLN A 310 1.50 -0.37 19.63
N ARG A 311 2.44 -0.40 18.68
CA ARG A 311 3.35 0.70 18.42
C ARG A 311 4.18 1.03 19.66
N LYS A 312 4.62 0.00 20.36
CA LYS A 312 5.45 0.17 21.55
C LYS A 312 6.93 -0.06 21.28
N VAL A 313 7.29 -0.50 20.08
CA VAL A 313 8.69 -0.69 19.72
C VAL A 313 9.28 0.64 19.24
N GLU A 314 10.46 0.98 19.72
CA GLU A 314 11.14 2.16 19.20
C GLU A 314 11.53 1.94 17.75
N ALA A 315 11.17 2.89 16.90
CA ALA A 315 11.42 2.75 15.47
C ALA A 315 12.91 2.92 15.17
N PRO A 316 13.40 2.26 14.12
CA PRO A 316 14.81 2.44 13.77
C PRO A 316 15.14 3.84 13.30
N PHE A 317 14.14 4.63 12.92
CA PHE A 317 14.42 5.85 12.20
C PHE A 317 13.21 6.78 12.24
N ILE A 318 13.41 8.02 12.66
CA ILE A 318 12.35 9.01 12.71
C ILE A 318 12.61 10.01 11.59
N PRO A 319 11.71 10.17 10.64
CA PRO A 319 11.97 11.13 9.55
C PRO A 319 12.08 12.54 10.09
N LYS A 320 12.93 13.33 9.44
CA LYS A 320 13.13 14.73 9.79
C LYS A 320 12.08 15.57 9.08
N PHE A 321 11.29 16.31 9.86
CA PHE A 321 10.33 17.24 9.30
C PHE A 321 9.99 18.26 10.38
N LYS A 322 9.48 19.41 9.96
CA LYS A 322 9.33 20.55 10.86
C LYS A 322 7.95 20.62 11.51
N GLY A 323 6.94 19.99 10.93
CA GLY A 323 5.60 20.08 11.45
C GLY A 323 4.63 19.41 10.50
N PRO A 324 3.35 19.40 10.88
CA PRO A 324 2.35 18.66 10.09
C PRO A 324 2.12 19.24 8.70
N GLY A 325 2.60 20.45 8.40
CA GLY A 325 2.51 21.02 7.08
C GLY A 325 3.77 20.96 6.27
N ASP A 326 4.83 20.36 6.81
CA ASP A 326 6.10 20.28 6.10
C ASP A 326 5.99 19.34 4.92
N THR A 327 6.41 19.80 3.73
CA THR A 327 6.41 18.97 2.53
C THR A 327 7.82 18.60 2.08
N SER A 328 8.82 18.81 2.94
N SER A 328 8.83 18.81 2.93
CA SER A 328 10.22 18.66 2.54
CA SER A 328 10.22 18.67 2.50
C SER A 328 10.56 17.24 2.11
C SER A 328 10.59 17.24 2.14
N ASN A 329 9.83 16.25 2.62
CA ASN A 329 10.15 14.86 2.29
C ASN A 329 9.44 14.35 1.04
N PHE A 330 8.67 15.21 0.37
CA PHE A 330 8.09 14.91 -0.93
C PHE A 330 8.74 15.81 -1.97
N ASP A 331 8.54 15.48 -3.24
N ASP A 331 8.53 15.44 -3.23
CA ASP A 331 9.27 16.19 -4.27
CA ASP A 331 9.22 16.03 -4.37
C ASP A 331 8.35 17.09 -5.08
C ASP A 331 8.43 17.23 -4.91
N ASP A 332 8.98 17.88 -5.94
CA ASP A 332 8.34 19.01 -6.59
C ASP A 332 7.75 18.63 -7.94
N TYR A 333 6.50 19.05 -8.16
CA TYR A 333 5.79 18.80 -9.41
C TYR A 333 5.22 20.11 -9.93
N GLU A 334 5.03 20.18 -11.24
CA GLU A 334 4.31 21.32 -11.82
C GLU A 334 2.94 21.43 -11.18
N GLU A 335 2.59 22.64 -10.74
CA GLU A 335 1.32 22.87 -10.07
C GLU A 335 0.24 23.15 -11.10
N GLU A 336 -0.78 22.28 -11.17
CA GLU A 336 -1.84 22.42 -12.16
C GLU A 336 -3.19 22.71 -11.50
N GLU A 337 -4.08 23.32 -12.28
CA GLU A 337 -5.42 23.67 -11.82
C GLU A 337 -6.20 22.45 -11.35
N ILE A 338 -7.09 22.66 -10.39
CA ILE A 338 -8.17 21.71 -10.07
C ILE A 338 -9.42 22.31 -10.69
N ARG A 339 -9.70 21.95 -11.94
CA ARG A 339 -10.84 22.51 -12.63
C ARG A 339 -12.08 21.64 -12.41
N VAL A 340 -13.23 22.31 -12.22
CA VAL A 340 -14.48 21.62 -12.01
C VAL A 340 -15.46 22.12 -13.06
N SEP A 341 -15.85 21.24 -13.97
CA SEP A 341 -16.66 21.64 -15.12
CB SEP A 341 -16.78 20.46 -16.09
OG SEP A 341 -17.84 20.66 -17.00
C SEP A 341 -18.02 22.14 -14.67
O SEP A 341 -18.52 21.79 -13.60
P SEP A 341 -17.31 21.46 -18.30
O1P SEP A 341 -18.29 21.11 -19.53
O2P SEP A 341 -17.34 23.04 -18.00
O3P SEP A 341 -15.83 21.00 -18.71
N ILE A 342 -18.61 23.02 -15.48
N ILE A 342 -18.63 23.01 -15.48
CA ILE A 342 -19.94 23.53 -15.20
CA ILE A 342 -19.95 23.52 -15.18
C ILE A 342 -20.98 22.42 -15.43
C ILE A 342 -21.00 22.45 -15.46
N ASN A 343 -20.58 21.41 -16.19
CA ASN A 343 -21.45 20.27 -16.52
C ASN A 343 -20.96 18.99 -15.85
N GLU A 344 -21.91 18.15 -15.43
CA GLU A 344 -21.54 16.88 -14.80
C GLU A 344 -20.96 15.91 -15.84
N LYS A 345 -19.87 15.26 -15.47
CA LYS A 345 -19.25 14.24 -16.31
C LYS A 345 -19.37 12.88 -15.64
N CYS A 346 -19.72 11.86 -16.43
CA CYS A 346 -19.66 10.46 -15.97
C CYS A 346 -20.45 10.24 -14.69
N GLY A 347 -21.59 10.94 -14.56
CA GLY A 347 -22.37 10.82 -13.34
C GLY A 347 -22.83 9.39 -13.08
N LYS A 348 -23.32 8.72 -14.12
CA LYS A 348 -23.82 7.36 -13.96
C LYS A 348 -22.73 6.41 -13.47
N GLU A 349 -21.55 6.46 -14.11
CA GLU A 349 -20.49 5.51 -13.77
C GLU A 349 -20.10 5.57 -12.30
N PHE A 350 -20.17 6.74 -11.69
CA PHE A 350 -19.69 6.94 -10.32
C PHE A 350 -20.81 7.22 -9.34
N THR A 351 -22.03 6.76 -9.64
CA THR A 351 -23.17 7.00 -8.76
C THR A 351 -22.90 6.57 -7.32
N GLU A 352 -22.24 5.43 -7.15
CA GLU A 352 -22.06 4.89 -5.80
C GLU A 352 -20.95 5.60 -5.03
N PHE A 353 -20.10 6.37 -5.69
CA PHE A 353 -18.99 7.01 -5.01
C PHE A 353 -19.47 8.04 -4.00
C04 A1JES B . 2.80 11.24 -3.59
C05 A1JES B . 1.78 10.80 -2.59
C06 A1JES B . 0.63 10.58 -0.78
C07 A1JES B . 1.69 11.21 -1.32
C08 A1JES B . 0.13 10.66 0.57
C09 A1JES B . -0.98 9.95 0.92
C10 A1JES B . -1.44 10.01 2.19
C11 A1JES B . -0.79 10.76 3.11
C12 A1JES B . 0.31 11.49 2.77
C13 A1JES B . 0.77 11.42 1.49
N02 A1JES B . 0.83 9.89 -2.96
O02 A1JES B . -0.01 9.69 -1.72
C01 A1JES C . -4.58 -6.57 24.49
C02 A1JES C . -4.37 -6.41 22.96
C03 A1JES C . -5.31 -7.36 20.89
C04 A1JES C . -4.01 -7.35 20.06
C05 A1JES C . -4.08 -8.17 18.81
C06 A1JES C . -3.90 -8.73 16.75
C07 A1JES C . -3.72 -7.73 17.61
C08 A1JES C . -3.66 -8.73 15.34
C09 A1JES C . -3.85 -9.87 14.62
C10 A1JES C . -3.62 -9.87 13.29
C11 A1JES C . -3.20 -8.75 12.66
C12 A1JES C . -3.01 -7.62 13.38
C13 A1JES C . -3.23 -7.61 14.71
C14 A1JES C . -6.18 -6.13 20.60
C15 A1JES C . -6.02 -4.98 21.59
C16 A1JES C . -4.75 -5.02 22.44
N01 A1JES C . -5.23 -5.37 25.03
N02 A1JES C . -4.51 -9.46 18.84
O01 A1JES C . -5.02 -7.50 22.28
O02 A1JES C . -4.41 -9.93 17.40
O03 A1JES C . -3.69 -4.50 21.62
S DMS D . -10.88 -4.03 16.20
O DMS D . -10.01 -3.69 15.01
C1 DMS D . -10.68 -5.81 16.44
C2 DMS D . -10.00 -3.48 17.68
S DMS E . 0.06 -10.26 17.30
O DMS E . -0.03 -11.15 16.08
C1 DMS E . -0.35 -8.58 16.81
C2 DMS E . -1.39 -10.58 18.32
S DMS F . -17.28 -2.23 -5.56
O DMS F . -18.39 -1.42 -4.93
C1 DMS F . -17.95 -3.87 -5.87
C2 DMS F . -17.17 -1.73 -7.29
S DMS G . -3.93 -17.27 -20.87
O DMS G . -5.08 -16.31 -20.92
C1 DMS G . -3.90 -18.00 -19.21
C2 DMS G . -4.45 -18.75 -21.77
S DMS H . -1.73 7.80 -3.69
O DMS H . -2.38 7.01 -4.78
C1 DMS H . -0.22 6.91 -3.26
C2 DMS H . -2.70 7.49 -2.20
S DMS I . -20.69 18.22 3.46
O DMS I . -21.63 17.86 2.32
C1 DMS I . -21.05 17.08 4.81
C2 DMS I . -21.33 19.70 4.23
#